data_1H61
#
_entry.id   1H61
#
_cell.length_a   56.784
_cell.length_b   69.478
_cell.length_c   88.821
_cell.angle_alpha   90.00
_cell.angle_beta   90.00
_cell.angle_gamma   90.00
#
_symmetry.space_group_name_H-M   'P 21 21 21'
#
loop_
_entity.id
_entity.type
_entity.pdbx_description
1 polymer 'PENTAERYTHRITOL TETRANITRATE REDUCTASE'
2 non-polymer 'FLAVIN MONONUCLEOTIDE'
3 non-polymer 17,21-DIHYDROXYPREGNA-1,4-DIENE-3,11,20-TRIONE
4 water water
#
_entity_poly.entity_id   1
_entity_poly.type   'polypeptide(L)'
_entity_poly.pdbx_seq_one_letter_code
;SAEKLFTPLKVGAVTAPNRVFMAPLTRLRSIEPGDIPTPLMGEYYRQRASAGLIISEATQISAQAKGYAGAPGLHSPEQI
AAWKKITAGVHAEDGRIAVQLWHTGRISHSSIQPGGQAPVSASALNANTRTSLRDENGNAIRVDTTTPRALELDEIPGIV
NDFRQAVANAREAGFDLVELHSAHGYLLHQFLSPSSNQRTDQYGGSVENRARLVLEVVDAVCNEWSADRIGIRVSPIGTF
QNVDNGPNEEADALYLIEELAKRGIAYLHMSETDLAGGKPYSEAFRQKVRERFHGVIIGAGAYTAEKAEDLIGKGLIDAV
AFGRDYIANPDLVARLQKKAELNPQRPESFYGGGAEGYTDYPSL
;
_entity_poly.pdbx_strand_id   A
#
# COMPACT_ATOMS: atom_id res chain seq x y z
N SER A 1 -1.23 0.10 -28.75
CA SER A 1 -2.12 -0.87 -28.04
C SER A 1 -1.32 -2.08 -27.60
N ALA A 2 -0.12 -1.83 -27.08
CA ALA A 2 0.79 -2.87 -26.60
C ALA A 2 0.43 -4.28 -27.05
N GLU A 3 0.09 -5.15 -26.09
CA GLU A 3 -0.26 -6.53 -26.40
C GLU A 3 -1.26 -7.16 -25.43
N LYS A 4 -0.86 -7.28 -24.16
CA LYS A 4 -1.74 -7.87 -23.16
C LYS A 4 -2.14 -6.88 -22.06
N LEU A 5 -1.43 -5.75 -21.98
CA LEU A 5 -1.71 -4.76 -20.95
C LEU A 5 -3.14 -4.23 -20.98
N PHE A 6 -3.80 -4.35 -22.12
CA PHE A 6 -5.15 -3.82 -22.24
C PHE A 6 -6.24 -4.88 -22.35
N THR A 7 -5.98 -6.03 -21.74
CA THR A 7 -6.94 -7.14 -21.72
C THR A 7 -7.46 -7.29 -20.28
N PRO A 8 -8.71 -7.75 -20.13
CA PRO A 8 -9.34 -7.94 -18.83
C PRO A 8 -8.64 -8.94 -17.91
N LEU A 9 -8.88 -8.78 -16.61
CA LEU A 9 -8.29 -9.64 -15.60
C LEU A 9 -9.23 -9.73 -14.40
N LYS A 10 -9.54 -10.95 -13.99
CA LYS A 10 -10.41 -11.14 -12.83
C LYS A 10 -9.52 -10.93 -11.60
N VAL A 11 -9.89 -9.97 -10.75
CA VAL A 11 -9.13 -9.69 -9.53
C VAL A 11 -10.05 -9.89 -8.34
N GLY A 12 -10.07 -11.11 -7.80
CA GLY A 12 -10.95 -11.37 -6.69
C GLY A 12 -12.40 -11.14 -7.07
N ALA A 13 -13.11 -10.33 -6.29
CA ALA A 13 -14.52 -10.06 -6.52
C ALA A 13 -14.85 -9.12 -7.69
N VAL A 14 -13.85 -8.49 -8.28
CA VAL A 14 -14.12 -7.59 -9.40
C VAL A 14 -13.33 -7.97 -10.65
N THR A 15 -13.67 -7.34 -11.77
CA THR A 15 -12.98 -7.59 -13.03
C THR A 15 -12.39 -6.30 -13.57
N ALA A 16 -11.07 -6.27 -13.70
CA ALA A 16 -10.38 -5.10 -14.23
C ALA A 16 -10.40 -5.21 -15.76
N PRO A 17 -10.69 -4.11 -16.46
CA PRO A 17 -10.74 -4.14 -17.92
C PRO A 17 -9.35 -4.08 -18.57
N ASN A 18 -8.34 -3.78 -17.77
CA ASN A 18 -6.96 -3.71 -18.26
C ASN A 18 -6.02 -4.04 -17.10
N ARG A 19 -4.74 -4.21 -17.41
CA ARG A 19 -3.76 -4.56 -16.38
C ARG A 19 -2.86 -3.41 -15.94
N VAL A 20 -3.29 -2.18 -16.24
CA VAL A 20 -2.54 -0.99 -15.87
C VAL A 20 -3.18 -0.47 -14.59
N PHE A 21 -2.55 -0.78 -13.46
CA PHE A 21 -3.06 -0.36 -12.16
C PHE A 21 -2.37 0.88 -11.62
N MET A 22 -3.08 1.61 -10.77
CA MET A 22 -2.54 2.80 -10.12
C MET A 22 -2.04 2.36 -8.75
N ALA A 23 -0.74 2.47 -8.54
CA ALA A 23 -0.12 2.09 -7.28
C ALA A 23 -0.54 3.01 -6.14
N PRO A 24 -0.47 2.50 -4.89
CA PRO A 24 -0.83 3.32 -3.74
C PRO A 24 0.17 4.46 -3.66
N LEU A 25 -0.35 5.69 -3.57
CA LEU A 25 0.51 6.87 -3.54
C LEU A 25 0.14 7.87 -2.46
N THR A 26 0.96 7.93 -1.43
CA THR A 26 0.76 8.88 -0.33
C THR A 26 0.98 10.29 -0.89
N ARG A 27 -0.01 11.17 -0.73
CA ARG A 27 0.09 12.53 -1.25
C ARG A 27 -0.03 13.60 -0.14
N LEU A 28 -0.39 13.16 1.06
CA LEU A 28 -0.50 14.02 2.24
C LEU A 28 -1.28 15.32 2.07
N ARG A 29 -2.50 15.22 1.55
CA ARG A 29 -3.33 16.39 1.35
C ARG A 29 -4.65 16.33 2.12
N SER A 30 -4.73 15.45 3.12
CA SER A 30 -5.96 15.32 3.90
C SER A 30 -6.12 16.46 4.88
N ILE A 31 -7.36 16.64 5.34
CA ILE A 31 -7.67 17.69 6.31
C ILE A 31 -7.29 17.28 7.74
N GLU A 32 -6.70 18.21 8.46
CA GLU A 32 -6.38 18.02 9.87
C GLU A 32 -7.01 19.23 10.54
N PRO A 33 -7.62 19.04 11.72
CA PRO A 33 -7.77 17.78 12.44
C PRO A 33 -8.77 16.81 11.81
N GLY A 34 -8.58 15.52 12.08
CA GLY A 34 -9.50 14.52 11.56
C GLY A 34 -8.96 13.56 10.51
N ASP A 35 -7.86 13.92 9.87
CA ASP A 35 -7.24 13.10 8.83
C ASP A 35 -8.33 12.70 7.84
N ILE A 36 -9.07 13.71 7.39
CA ILE A 36 -10.21 13.52 6.50
C ILE A 36 -9.98 13.70 5.01
N PRO A 37 -10.42 12.73 4.20
CA PRO A 37 -10.25 12.85 2.75
C PRO A 37 -11.04 14.09 2.30
N THR A 38 -10.60 14.71 1.21
CA THR A 38 -11.21 15.94 0.71
C THR A 38 -11.84 15.81 -0.67
N PRO A 39 -12.65 16.80 -1.06
CA PRO A 39 -13.27 16.78 -2.39
C PRO A 39 -12.18 16.81 -3.45
N LEU A 40 -11.08 17.50 -3.16
CA LEU A 40 -9.95 17.58 -4.09
C LEU A 40 -9.40 16.18 -4.32
N MET A 41 -9.26 15.42 -3.25
CA MET A 41 -8.77 14.05 -3.36
C MET A 41 -9.78 13.25 -4.19
N GLY A 42 -11.06 13.54 -4.01
CA GLY A 42 -12.08 12.85 -4.76
C GLY A 42 -11.91 13.11 -6.25
N GLU A 43 -11.61 14.35 -6.61
CA GLU A 43 -11.41 14.71 -8.01
C GLU A 43 -10.18 14.02 -8.59
N TYR A 44 -9.11 13.99 -7.80
CA TYR A 44 -7.86 13.35 -8.20
C TYR A 44 -8.10 11.88 -8.55
N TYR A 45 -8.82 11.16 -7.70
CA TYR A 45 -9.08 9.76 -7.95
C TYR A 45 -10.03 9.58 -9.14
N ARG A 46 -11.02 10.46 -9.24
CA ARG A 46 -11.97 10.37 -10.34
C ARG A 46 -11.27 10.55 -11.69
N GLN A 47 -10.28 11.44 -11.73
CA GLN A 47 -9.53 11.68 -12.97
C GLN A 47 -8.78 10.44 -13.43
N ARG A 48 -8.48 9.53 -12.51
CA ARG A 48 -7.72 8.32 -12.80
C ARG A 48 -8.55 7.04 -12.81
N ALA A 49 -9.87 7.20 -12.87
CA ALA A 49 -10.79 6.07 -12.84
C ALA A 49 -10.69 5.06 -13.99
N SER A 50 -9.97 5.39 -15.06
CA SER A 50 -9.84 4.45 -16.16
C SER A 50 -8.81 3.36 -15.86
N ALA A 51 -8.09 3.51 -14.74
CA ALA A 51 -7.10 2.51 -14.35
C ALA A 51 -7.79 1.14 -14.19
N GLY A 52 -7.07 0.06 -14.50
CA GLY A 52 -7.64 -1.26 -14.34
C GLY A 52 -8.13 -1.42 -12.90
N LEU A 53 -7.36 -0.84 -11.98
CA LEU A 53 -7.68 -0.83 -10.57
C LEU A 53 -6.91 0.31 -9.93
N ILE A 54 -7.60 1.09 -9.10
CA ILE A 54 -6.95 2.17 -8.38
C ILE A 54 -6.68 1.61 -6.98
N ILE A 55 -5.43 1.75 -6.51
CA ILE A 55 -5.11 1.34 -5.16
C ILE A 55 -4.84 2.68 -4.47
N SER A 56 -5.63 2.99 -3.44
CA SER A 56 -5.50 4.26 -2.74
C SER A 56 -4.20 4.48 -2.00
N GLU A 57 -3.97 5.74 -1.64
CA GLU A 57 -2.83 6.14 -0.83
C GLU A 57 -3.00 5.35 0.48
N ALA A 58 -1.88 5.09 1.17
CA ALA A 58 -1.94 4.37 2.44
C ALA A 58 -2.86 5.12 3.39
N THR A 59 -3.74 4.36 4.04
CA THR A 59 -4.75 4.93 4.94
C THR A 59 -4.72 4.28 6.33
N GLN A 60 -4.78 5.10 7.38
CA GLN A 60 -4.75 4.61 8.76
C GLN A 60 -5.90 3.73 9.19
N ILE A 61 -5.59 2.65 9.89
CA ILE A 61 -6.61 1.75 10.43
C ILE A 61 -7.07 2.27 11.79
N SER A 62 -6.30 3.19 12.36
CA SER A 62 -6.59 3.76 13.67
C SER A 62 -5.79 5.06 13.81
N ALA A 63 -6.08 5.85 14.84
CA ALA A 63 -5.33 7.08 15.06
C ALA A 63 -3.88 6.73 15.40
N GLN A 64 -3.68 5.65 16.15
CA GLN A 64 -2.34 5.22 16.53
C GLN A 64 -1.51 4.87 15.29
N ALA A 65 -2.18 4.41 14.25
CA ALA A 65 -1.52 4.02 13.01
C ALA A 65 -0.87 5.18 12.27
N LYS A 66 -1.28 6.40 12.58
CA LYS A 66 -0.76 7.58 11.90
C LYS A 66 0.74 7.84 12.08
N GLY A 67 1.40 8.11 10.96
CA GLY A 67 2.83 8.39 10.97
C GLY A 67 3.21 9.61 10.14
N TYR A 68 2.27 10.12 9.34
CA TYR A 68 2.50 11.30 8.50
C TYR A 68 1.36 12.29 8.60
N ALA A 69 1.69 13.58 8.71
CA ALA A 69 0.66 14.60 8.75
C ALA A 69 0.08 14.70 7.35
N GLY A 70 -1.24 14.63 7.24
CA GLY A 70 -1.87 14.72 5.93
C GLY A 70 -2.34 13.40 5.35
N ALA A 71 -1.95 12.29 5.97
CA ALA A 71 -2.37 10.97 5.50
C ALA A 71 -3.78 10.73 6.05
N PRO A 72 -4.67 10.17 5.23
CA PRO A 72 -6.05 9.92 5.65
C PRO A 72 -6.24 8.67 6.50
N GLY A 73 -7.37 8.63 7.21
CA GLY A 73 -7.70 7.47 8.01
C GLY A 73 -9.01 6.86 7.54
N LEU A 74 -9.32 5.68 8.06
CA LEU A 74 -10.57 4.99 7.74
C LEU A 74 -11.08 4.35 9.03
N HIS A 75 -11.05 5.14 10.10
CA HIS A 75 -11.49 4.66 11.41
C HIS A 75 -12.60 5.50 12.04
N SER A 76 -12.78 6.72 11.56
CA SER A 76 -13.81 7.60 12.12
C SER A 76 -15.02 7.77 11.20
N PRO A 77 -16.16 8.21 11.76
CA PRO A 77 -17.36 8.41 10.96
C PRO A 77 -17.13 9.45 9.86
N GLU A 78 -16.42 10.51 10.18
CA GLU A 78 -16.14 11.57 9.20
C GLU A 78 -15.30 11.04 8.05
N GLN A 79 -14.33 10.18 8.36
CA GLN A 79 -13.46 9.60 7.33
C GLN A 79 -14.26 8.67 6.43
N ILE A 80 -15.10 7.84 7.06
CA ILE A 80 -15.93 6.92 6.30
C ILE A 80 -16.86 7.69 5.35
N ALA A 81 -17.46 8.77 5.85
CA ALA A 81 -18.35 9.57 5.03
C ALA A 81 -17.61 10.20 3.85
N ALA A 82 -16.41 10.69 4.08
CA ALA A 82 -15.64 11.30 3.02
C ALA A 82 -15.19 10.27 1.99
N TRP A 83 -14.73 9.11 2.45
CA TRP A 83 -14.30 8.07 1.51
C TRP A 83 -15.49 7.57 0.69
N LYS A 84 -16.68 7.58 1.27
CA LYS A 84 -17.88 7.14 0.55
C LYS A 84 -18.10 7.98 -0.70
N LYS A 85 -17.83 9.28 -0.59
CA LYS A 85 -18.01 10.18 -1.72
C LYS A 85 -16.93 9.89 -2.77
N ILE A 86 -15.72 9.61 -2.31
CA ILE A 86 -14.62 9.33 -3.23
C ILE A 86 -14.83 8.03 -4.01
N THR A 87 -15.24 6.96 -3.34
CA THR A 87 -15.47 5.71 -4.05
C THR A 87 -16.65 5.84 -5.02
N ALA A 88 -17.65 6.63 -4.64
CA ALA A 88 -18.81 6.85 -5.50
C ALA A 88 -18.36 7.58 -6.77
N GLY A 89 -17.43 8.51 -6.61
CA GLY A 89 -16.92 9.26 -7.75
C GLY A 89 -16.23 8.33 -8.74
N VAL A 90 -15.41 7.43 -8.21
CA VAL A 90 -14.69 6.46 -9.04
C VAL A 90 -15.68 5.54 -9.73
N HIS A 91 -16.69 5.09 -9.01
CA HIS A 91 -17.68 4.19 -9.57
C HIS A 91 -18.56 4.88 -10.62
N ALA A 92 -18.78 6.17 -10.46
CA ALA A 92 -19.58 6.92 -11.41
C ALA A 92 -18.88 6.92 -12.77
N GLU A 93 -17.56 6.73 -12.74
CA GLU A 93 -16.77 6.68 -13.97
C GLU A 93 -16.44 5.25 -14.36
N ASP A 94 -17.15 4.30 -13.74
CA ASP A 94 -16.99 2.88 -14.03
C ASP A 94 -15.61 2.32 -13.67
N GLY A 95 -15.00 2.87 -12.62
CA GLY A 95 -13.70 2.39 -12.19
C GLY A 95 -13.82 1.49 -10.98
N ARG A 96 -12.68 1.00 -10.49
CA ARG A 96 -12.63 0.14 -9.32
C ARG A 96 -11.56 0.71 -8.39
N ILE A 97 -11.80 0.66 -7.08
CA ILE A 97 -10.82 1.20 -6.15
C ILE A 97 -10.66 0.37 -4.89
N ALA A 98 -9.39 0.13 -4.53
CA ALA A 98 -9.05 -0.62 -3.34
C ALA A 98 -8.42 0.37 -2.36
N VAL A 99 -8.66 0.17 -1.07
CA VAL A 99 -8.05 1.06 -0.09
C VAL A 99 -6.84 0.36 0.51
N GLN A 100 -5.68 1.03 0.48
CA GLN A 100 -4.51 0.42 1.10
C GLN A 100 -4.55 0.81 2.57
N LEU A 101 -4.49 -0.19 3.45
CA LEU A 101 -4.56 0.07 4.89
C LEU A 101 -3.23 -0.19 5.58
N TRP A 102 -2.79 0.77 6.39
CA TRP A 102 -1.53 0.61 7.10
C TRP A 102 -1.55 1.06 8.54
N HIS A 103 -0.47 0.67 9.22
CA HIS A 103 -0.18 1.10 10.57
C HIS A 103 1.31 1.39 10.32
N THR A 104 1.71 2.64 10.52
CA THR A 104 3.08 3.04 10.25
C THR A 104 4.11 2.55 11.26
N GLY A 105 3.64 2.13 12.44
CA GLY A 105 4.57 1.68 13.45
C GLY A 105 5.62 2.72 13.79
N ARG A 106 6.88 2.31 13.82
CA ARG A 106 7.97 3.22 14.18
C ARG A 106 8.25 4.37 13.20
N ILE A 107 7.67 4.33 12.00
CA ILE A 107 7.89 5.44 11.09
C ILE A 107 6.78 6.42 11.43
N SER A 108 7.00 7.16 12.50
CA SER A 108 6.02 8.11 13.02
C SER A 108 6.72 9.10 13.94
N HIS A 109 5.94 10.00 14.54
CA HIS A 109 6.46 11.00 15.44
C HIS A 109 5.47 11.16 16.58
N SER A 110 5.98 11.35 17.80
CA SER A 110 5.12 11.48 18.96
C SER A 110 4.09 12.61 18.85
N SER A 111 4.45 13.69 18.16
CA SER A 111 3.55 14.83 18.04
C SER A 111 2.25 14.55 17.29
N ILE A 112 2.18 13.45 16.56
CA ILE A 112 0.95 13.13 15.84
C ILE A 112 0.31 11.84 16.35
N GLN A 113 0.82 11.32 17.47
CA GLN A 113 0.29 10.12 18.09
C GLN A 113 -0.74 10.54 19.13
N PRO A 114 -1.66 9.63 19.50
CA PRO A 114 -2.67 9.99 20.51
C PRO A 114 -1.95 10.35 21.80
N GLY A 115 -2.35 11.47 22.41
CA GLY A 115 -1.72 11.90 23.65
C GLY A 115 -0.29 12.39 23.52
N GLY A 116 0.22 12.45 22.29
CA GLY A 116 1.58 12.92 22.07
C GLY A 116 2.62 11.93 22.58
N GLN A 117 2.22 10.67 22.68
CA GLN A 117 3.11 9.63 23.19
C GLN A 117 3.91 8.95 22.08
N ALA A 118 4.92 8.18 22.48
CA ALA A 118 5.78 7.49 21.53
C ALA A 118 5.00 6.47 20.70
N PRO A 119 5.39 6.30 19.42
CA PRO A 119 4.71 5.34 18.56
C PRO A 119 5.12 3.91 18.95
N VAL A 120 4.43 2.93 18.38
CA VAL A 120 4.71 1.54 18.70
C VAL A 120 5.34 0.76 17.56
N SER A 121 5.97 -0.36 17.90
CA SER A 121 6.62 -1.22 16.91
C SER A 121 6.83 -2.59 17.51
N ALA A 122 7.52 -3.46 16.77
CA ALA A 122 7.81 -4.80 17.26
C ALA A 122 8.81 -4.70 18.41
N SER A 123 9.77 -3.80 18.26
CA SER A 123 10.81 -3.59 19.27
C SER A 123 11.07 -2.10 19.42
N ALA A 124 11.77 -1.73 20.49
CA ALA A 124 12.08 -0.32 20.74
C ALA A 124 13.34 0.12 20.00
N LEU A 125 13.22 0.21 18.68
CA LEU A 125 14.33 0.60 17.83
C LEU A 125 13.87 1.73 16.91
N ASN A 126 14.65 2.80 16.86
CA ASN A 126 14.30 3.94 16.01
C ASN A 126 14.40 3.56 14.54
N ALA A 127 13.50 4.11 13.73
CA ALA A 127 13.49 3.84 12.30
C ALA A 127 14.67 4.47 11.58
N ASN A 128 15.27 5.48 12.22
CA ASN A 128 16.42 6.20 11.67
C ASN A 128 16.16 6.84 10.31
N THR A 129 14.99 7.44 10.16
CA THR A 129 14.64 8.12 8.92
C THR A 129 13.79 9.33 9.31
N ARG A 130 13.30 10.08 8.33
CA ARG A 130 12.50 11.27 8.61
C ARG A 130 11.12 11.18 7.99
N THR A 131 10.09 11.29 8.82
CA THR A 131 8.73 11.25 8.32
C THR A 131 8.32 12.66 7.92
N SER A 132 7.07 12.82 7.48
CA SER A 132 6.58 14.13 7.06
C SER A 132 5.50 14.67 7.98
N LEU A 133 5.75 15.86 8.55
CA LEU A 133 4.78 16.52 9.41
C LEU A 133 4.38 17.80 8.70
N ARG A 134 3.61 18.65 9.37
CA ARG A 134 3.21 19.93 8.78
C ARG A 134 3.65 21.06 9.69
N ASP A 135 4.15 22.14 9.10
CA ASP A 135 4.59 23.28 9.91
C ASP A 135 3.39 24.16 10.24
N GLU A 136 3.66 25.30 10.89
CA GLU A 136 2.60 26.21 11.29
C GLU A 136 1.74 26.74 10.14
N ASN A 137 2.25 26.63 8.92
CA ASN A 137 1.52 27.11 7.75
C ASN A 137 0.85 25.97 6.99
N GLY A 138 0.95 24.76 7.52
CA GLY A 138 0.33 23.62 6.87
C GLY A 138 1.15 22.99 5.77
N ASN A 139 2.41 23.41 5.65
CA ASN A 139 3.30 22.88 4.62
C ASN A 139 4.05 21.66 5.14
N ALA A 140 4.29 20.70 4.26
CA ALA A 140 4.99 19.48 4.62
C ALA A 140 6.46 19.74 4.97
N ILE A 141 6.91 19.11 6.04
CA ILE A 141 8.29 19.24 6.51
C ILE A 141 8.80 17.88 6.98
N ARG A 142 10.08 17.60 6.75
CA ARG A 142 10.67 16.34 7.17
C ARG A 142 11.23 16.44 8.58
N VAL A 143 10.85 15.49 9.43
CA VAL A 143 11.31 15.46 10.82
C VAL A 143 11.74 14.05 11.23
N ASP A 144 12.80 13.95 12.03
CA ASP A 144 13.30 12.64 12.48
C ASP A 144 12.22 11.85 13.22
N THR A 145 12.17 10.55 12.94
CA THR A 145 11.20 9.67 13.59
C THR A 145 11.49 9.52 15.08
N THR A 146 10.44 9.33 15.86
CA THR A 146 10.53 9.16 17.31
C THR A 146 10.82 7.70 17.63
N THR A 147 11.70 7.44 18.60
CA THR A 147 11.99 6.07 18.99
C THR A 147 10.70 5.45 19.51
N PRO A 148 10.35 4.25 19.02
CA PRO A 148 9.12 3.59 19.45
C PRO A 148 9.20 2.78 20.72
N ARG A 149 8.02 2.38 21.17
CA ARG A 149 7.81 1.56 22.35
C ARG A 149 7.46 0.19 21.77
N ALA A 150 7.99 -0.87 22.35
CA ALA A 150 7.69 -2.22 21.86
C ALA A 150 6.29 -2.58 22.33
N LEU A 151 5.48 -3.10 21.41
CA LEU A 151 4.12 -3.51 21.76
C LEU A 151 4.18 -4.63 22.78
N GLU A 152 3.32 -4.57 23.78
CA GLU A 152 3.25 -5.63 24.80
C GLU A 152 2.46 -6.77 24.16
N LEU A 153 2.74 -8.00 24.56
CA LEU A 153 2.04 -9.15 24.01
C LEU A 153 0.53 -8.97 24.01
N ASP A 154 -0.02 -8.49 25.12
CA ASP A 154 -1.46 -8.30 25.23
C ASP A 154 -2.04 -7.19 24.36
N GLU A 155 -1.17 -6.46 23.67
CA GLU A 155 -1.61 -5.38 22.79
C GLU A 155 -1.78 -5.85 21.35
N ILE A 156 -1.20 -7.00 21.02
CA ILE A 156 -1.27 -7.52 19.67
C ILE A 156 -2.71 -7.78 19.19
N PRO A 157 -3.55 -8.41 20.03
CA PRO A 157 -4.92 -8.66 19.56
C PRO A 157 -5.62 -7.36 19.14
N GLY A 158 -5.31 -6.27 19.85
CA GLY A 158 -5.91 -4.99 19.53
C GLY A 158 -5.53 -4.52 18.14
N ILE A 159 -4.27 -4.73 17.77
CA ILE A 159 -3.78 -4.35 16.45
C ILE A 159 -4.53 -5.13 15.38
N VAL A 160 -4.68 -6.44 15.61
CA VAL A 160 -5.39 -7.28 14.66
C VAL A 160 -6.82 -6.80 14.52
N ASN A 161 -7.45 -6.44 15.64
CA ASN A 161 -8.83 -5.95 15.60
C ASN A 161 -8.95 -4.62 14.87
N ASP A 162 -7.93 -3.78 14.96
CA ASP A 162 -7.99 -2.50 14.27
C ASP A 162 -7.99 -2.73 12.76
N PHE A 163 -7.21 -3.70 12.29
CA PHE A 163 -7.18 -4.02 10.86
C PHE A 163 -8.55 -4.57 10.47
N ARG A 164 -9.10 -5.44 11.31
CA ARG A 164 -10.42 -6.04 11.04
C ARG A 164 -11.49 -4.96 10.93
N GLN A 165 -11.50 -4.03 11.89
CA GLN A 165 -12.48 -2.96 11.92
C GLN A 165 -12.34 -2.03 10.72
N ALA A 166 -11.11 -1.75 10.33
CA ALA A 166 -10.85 -0.87 9.18
C ALA A 166 -11.40 -1.51 7.91
N VAL A 167 -11.26 -2.82 7.78
CA VAL A 167 -11.76 -3.52 6.61
C VAL A 167 -13.29 -3.49 6.62
N ALA A 168 -13.89 -3.62 7.80
CA ALA A 168 -15.34 -3.56 7.90
C ALA A 168 -15.76 -2.16 7.43
N ASN A 169 -15.00 -1.14 7.84
CA ASN A 169 -15.29 0.23 7.45
C ASN A 169 -15.11 0.43 5.95
N ALA A 170 -14.10 -0.23 5.37
CA ALA A 170 -13.84 -0.12 3.95
C ALA A 170 -15.03 -0.64 3.16
N ARG A 171 -15.62 -1.73 3.64
CA ARG A 171 -16.78 -2.30 2.96
C ARG A 171 -17.93 -1.28 2.97
N GLU A 172 -18.21 -0.68 4.13
CA GLU A 172 -19.28 0.30 4.17
C GLU A 172 -18.98 1.53 3.33
N ALA A 173 -17.71 1.89 3.25
CA ALA A 173 -17.29 3.07 2.48
C ALA A 173 -17.39 2.88 0.98
N GLY A 174 -17.69 1.67 0.54
CA GLY A 174 -17.83 1.43 -0.89
C GLY A 174 -16.59 0.98 -1.64
N PHE A 175 -15.53 0.62 -0.94
CA PHE A 175 -14.33 0.15 -1.61
C PHE A 175 -14.60 -1.21 -2.21
N ASP A 176 -13.93 -1.52 -3.31
CA ASP A 176 -14.10 -2.80 -3.99
C ASP A 176 -13.20 -3.88 -3.41
N LEU A 177 -12.05 -3.46 -2.90
CA LEU A 177 -11.07 -4.37 -2.32
C LEU A 177 -10.28 -3.61 -1.27
N VAL A 178 -9.46 -4.35 -0.54
CA VAL A 178 -8.60 -3.75 0.47
C VAL A 178 -7.20 -4.31 0.22
N GLU A 179 -6.18 -3.48 0.43
CA GLU A 179 -4.82 -3.94 0.27
C GLU A 179 -4.09 -3.71 1.59
N LEU A 180 -3.65 -4.80 2.20
CA LEU A 180 -2.92 -4.71 3.47
C LEU A 180 -1.50 -4.24 3.19
N HIS A 181 -1.07 -3.17 3.86
CA HIS A 181 0.29 -2.67 3.66
C HIS A 181 1.28 -3.43 4.52
N SER A 182 1.82 -4.50 3.97
CA SER A 182 2.78 -5.32 4.69
C SER A 182 4.19 -5.12 4.11
N ALA A 183 4.43 -3.92 3.58
CA ALA A 183 5.71 -3.61 2.97
C ALA A 183 6.32 -2.30 3.45
N HIS A 184 7.44 -1.96 2.82
CA HIS A 184 8.16 -0.70 3.04
C HIS A 184 8.52 -0.26 4.45
N GLY A 185 8.77 -1.23 5.33
CA GLY A 185 9.17 -0.89 6.68
C GLY A 185 8.11 -0.39 7.65
N TYR A 186 6.83 -0.55 7.31
CA TYR A 186 5.79 -0.12 8.23
C TYR A 186 5.53 -1.22 9.25
N LEU A 187 4.52 -1.07 10.10
CA LEU A 187 4.32 -2.05 11.18
C LEU A 187 4.39 -3.53 10.84
N LEU A 188 3.60 -3.99 9.88
CA LEU A 188 3.62 -5.40 9.53
C LEU A 188 5.01 -5.86 9.09
N HIS A 189 5.68 -5.04 8.28
CA HIS A 189 7.00 -5.37 7.80
C HIS A 189 8.01 -5.29 8.95
N GLN A 190 7.75 -4.43 9.93
CA GLN A 190 8.63 -4.30 11.09
C GLN A 190 8.67 -5.62 11.86
N PHE A 191 7.55 -6.34 11.86
CA PHE A 191 7.50 -7.64 12.53
C PHE A 191 8.14 -8.70 11.64
N LEU A 192 7.92 -8.59 10.33
CA LEU A 192 8.48 -9.56 9.38
C LEU A 192 10.00 -9.57 9.32
N SER A 193 10.62 -8.41 9.47
CA SER A 193 12.08 -8.30 9.37
C SER A 193 12.88 -8.50 10.65
N PRO A 194 13.93 -9.34 10.59
CA PRO A 194 14.77 -9.59 11.77
C PRO A 194 15.51 -8.32 12.20
N SER A 195 15.74 -7.42 11.25
CA SER A 195 16.45 -6.17 11.54
C SER A 195 15.68 -5.23 12.46
N SER A 196 14.35 -5.33 12.43
CA SER A 196 13.48 -4.47 13.23
C SER A 196 12.71 -5.23 14.30
N ASN A 197 12.86 -6.55 14.31
CA ASN A 197 12.15 -7.39 15.27
C ASN A 197 13.13 -8.18 16.14
N GLN A 198 13.26 -7.79 17.40
CA GLN A 198 14.15 -8.48 18.32
C GLN A 198 13.36 -9.12 19.47
N ARG A 199 12.08 -9.35 19.23
CA ARG A 199 11.20 -9.95 20.25
C ARG A 199 11.63 -11.35 20.62
N THR A 200 11.33 -11.73 21.86
CA THR A 200 11.67 -13.05 22.36
C THR A 200 10.43 -13.88 22.63
N ASP A 201 9.26 -13.35 22.26
CA ASP A 201 8.03 -14.10 22.44
C ASP A 201 7.68 -14.78 21.13
N GLN A 202 6.43 -15.24 20.99
CA GLN A 202 6.05 -15.95 19.77
C GLN A 202 5.94 -15.08 18.52
N TYR A 203 6.20 -13.78 18.65
CA TYR A 203 6.13 -12.88 17.51
C TYR A 203 7.51 -12.46 17.00
N GLY A 204 8.54 -13.12 17.49
CA GLY A 204 9.90 -12.81 17.07
C GLY A 204 10.73 -14.08 16.92
N GLY A 205 11.82 -14.00 16.18
CA GLY A 205 12.68 -15.14 16.00
C GLY A 205 12.57 -15.78 14.62
N SER A 206 11.99 -16.97 14.57
CA SER A 206 11.81 -17.70 13.33
C SER A 206 10.92 -16.94 12.37
N VAL A 207 10.97 -17.32 11.10
CA VAL A 207 10.14 -16.67 10.09
C VAL A 207 8.67 -16.94 10.42
N GLU A 208 8.39 -18.10 10.98
CA GLU A 208 7.01 -18.43 11.35
C GLU A 208 6.50 -17.45 12.39
N ASN A 209 7.37 -17.10 13.34
CA ASN A 209 7.00 -16.14 14.38
C ASN A 209 6.92 -14.72 13.85
N ARG A 210 7.86 -14.37 12.98
CA ARG A 210 7.90 -13.04 12.39
C ARG A 210 6.69 -12.76 11.49
N ALA A 211 6.18 -13.80 10.84
CA ALA A 211 5.03 -13.66 9.96
C ALA A 211 3.70 -13.90 10.69
N ARG A 212 3.78 -14.27 11.96
CA ARG A 212 2.57 -14.54 12.73
C ARG A 212 1.57 -13.39 12.70
N LEU A 213 2.03 -12.17 12.99
CA LEU A 213 1.12 -11.03 13.00
C LEU A 213 0.42 -10.77 11.67
N VAL A 214 1.18 -10.66 10.58
CA VAL A 214 0.53 -10.41 9.30
C VAL A 214 -0.47 -11.51 8.94
N LEU A 215 -0.15 -12.77 9.24
CA LEU A 215 -1.08 -13.84 8.91
C LEU A 215 -2.32 -13.81 9.80
N GLU A 216 -2.17 -13.36 11.05
CA GLU A 216 -3.32 -13.24 11.94
C GLU A 216 -4.23 -12.14 11.37
N VAL A 217 -3.61 -11.09 10.85
CA VAL A 217 -4.36 -9.99 10.26
C VAL A 217 -5.09 -10.48 9.00
N VAL A 218 -4.39 -11.22 8.15
CA VAL A 218 -5.01 -11.75 6.94
C VAL A 218 -6.23 -12.60 7.30
N ASP A 219 -6.08 -13.50 8.27
CA ASP A 219 -7.21 -14.34 8.67
C ASP A 219 -8.37 -13.52 9.21
N ALA A 220 -8.05 -12.51 10.02
CA ALA A 220 -9.10 -11.66 10.60
C ALA A 220 -9.89 -10.90 9.53
N VAL A 221 -9.21 -10.33 8.54
CA VAL A 221 -9.91 -9.57 7.51
C VAL A 221 -10.66 -10.45 6.52
N CYS A 222 -10.15 -11.67 6.29
CA CYS A 222 -10.83 -12.58 5.38
C CYS A 222 -12.14 -12.99 6.03
N ASN A 223 -12.09 -13.21 7.35
CA ASN A 223 -13.29 -13.60 8.09
C ASN A 223 -14.28 -12.45 8.19
N GLU A 224 -13.76 -11.24 8.38
CA GLU A 224 -14.61 -10.06 8.49
C GLU A 224 -15.40 -9.80 7.21
N TRP A 225 -14.71 -9.82 6.07
CA TRP A 225 -15.37 -9.59 4.79
C TRP A 225 -15.36 -10.90 4.02
N SER A 226 -14.46 -11.00 3.03
CA SER A 226 -14.33 -12.20 2.21
C SER A 226 -12.93 -12.24 1.65
N ALA A 227 -12.37 -13.44 1.50
CA ALA A 227 -11.02 -13.57 0.96
C ALA A 227 -10.84 -12.94 -0.42
N ASP A 228 -11.88 -12.99 -1.24
CA ASP A 228 -11.78 -12.42 -2.58
C ASP A 228 -11.85 -10.89 -2.60
N ARG A 229 -11.81 -10.29 -1.41
CA ARG A 229 -11.83 -8.82 -1.29
C ARG A 229 -10.50 -8.35 -0.72
N ILE A 230 -9.63 -9.32 -0.40
CA ILE A 230 -8.36 -9.02 0.22
C ILE A 230 -7.11 -9.15 -0.64
N GLY A 231 -6.32 -8.09 -0.66
CA GLY A 231 -5.06 -8.08 -1.38
C GLY A 231 -3.99 -7.72 -0.36
N ILE A 232 -2.73 -7.96 -0.68
CA ILE A 232 -1.66 -7.63 0.26
C ILE A 232 -0.42 -7.18 -0.50
N ARG A 233 0.24 -6.14 0.01
CA ARG A 233 1.46 -5.68 -0.61
C ARG A 233 2.64 -6.03 0.28
N VAL A 234 3.66 -6.60 -0.35
CA VAL A 234 4.88 -6.98 0.36
C VAL A 234 6.08 -6.47 -0.43
N SER A 235 7.20 -6.29 0.25
CA SER A 235 8.45 -5.87 -0.36
C SER A 235 9.45 -6.75 0.38
N PRO A 236 9.41 -8.07 0.08
CA PRO A 236 10.24 -9.11 0.68
C PRO A 236 11.67 -9.32 0.22
N ILE A 237 12.08 -8.62 -0.84
CA ILE A 237 13.43 -8.77 -1.36
C ILE A 237 14.10 -7.40 -1.37
N GLY A 238 15.24 -7.29 -0.68
CA GLY A 238 15.96 -6.03 -0.63
C GLY A 238 15.72 -5.26 0.66
N THR A 239 16.10 -3.98 0.65
CA THR A 239 15.94 -3.12 1.82
C THR A 239 15.01 -1.96 1.48
N PHE A 240 14.10 -1.65 2.41
CA PHE A 240 13.16 -0.56 2.20
C PHE A 240 13.09 0.31 3.44
N GLN A 241 13.39 1.59 3.27
CA GLN A 241 13.35 2.54 4.37
C GLN A 241 14.10 2.01 5.61
N ASN A 242 15.29 1.49 5.37
CA ASN A 242 16.15 0.96 6.44
C ASN A 242 15.77 -0.42 6.96
N VAL A 243 14.71 -1.01 6.44
CA VAL A 243 14.32 -2.34 6.89
C VAL A 243 14.61 -3.37 5.81
N ASP A 244 15.56 -4.26 6.10
CA ASP A 244 15.91 -5.31 5.13
C ASP A 244 15.01 -6.51 5.38
N ASN A 245 15.28 -7.60 4.69
CA ASN A 245 14.45 -8.79 4.86
C ASN A 245 15.21 -9.98 5.43
N GLY A 246 16.31 -9.70 6.13
CA GLY A 246 17.09 -10.78 6.73
C GLY A 246 18.03 -11.49 5.79
N PRO A 247 18.84 -12.43 6.33
CA PRO A 247 19.82 -13.24 5.59
C PRO A 247 19.26 -14.41 4.79
N ASN A 248 17.95 -14.63 4.87
CA ASN A 248 17.31 -15.70 4.12
C ASN A 248 16.03 -15.14 3.51
N GLU A 249 16.14 -13.96 2.92
CA GLU A 249 14.98 -13.29 2.35
C GLU A 249 14.18 -14.08 1.32
N GLU A 250 14.86 -14.77 0.41
CA GLU A 250 14.15 -15.54 -0.60
C GLU A 250 13.31 -16.67 0.00
N ALA A 251 13.94 -17.49 0.83
CA ALA A 251 13.22 -18.60 1.47
C ALA A 251 12.09 -18.08 2.35
N ASP A 252 12.35 -17.03 3.11
CA ASP A 252 11.34 -16.45 3.99
C ASP A 252 10.17 -15.88 3.18
N ALA A 253 10.48 -15.32 2.02
CA ALA A 253 9.45 -14.75 1.15
C ALA A 253 8.53 -15.86 0.65
N LEU A 254 9.12 -16.98 0.23
CA LEU A 254 8.33 -18.08 -0.29
C LEU A 254 7.45 -18.70 0.80
N TYR A 255 7.94 -18.70 2.04
CA TYR A 255 7.17 -19.23 3.16
C TYR A 255 5.91 -18.37 3.33
N LEU A 256 6.13 -17.06 3.37
CA LEU A 256 5.02 -16.12 3.56
C LEU A 256 4.01 -16.26 2.42
N ILE A 257 4.50 -16.32 1.19
CA ILE A 257 3.63 -16.45 0.03
C ILE A 257 2.83 -17.74 0.06
N GLU A 258 3.45 -18.85 0.44
CA GLU A 258 2.73 -20.11 0.52
C GLU A 258 1.63 -20.01 1.58
N GLU A 259 1.93 -19.35 2.69
CA GLU A 259 0.92 -19.19 3.74
C GLU A 259 -0.23 -18.32 3.27
N LEU A 260 0.10 -17.25 2.54
CA LEU A 260 -0.94 -16.36 2.02
C LEU A 260 -1.85 -17.10 1.04
N ALA A 261 -1.25 -17.96 0.23
CA ALA A 261 -2.01 -18.72 -0.76
C ALA A 261 -3.07 -19.60 -0.12
N LYS A 262 -2.77 -20.10 1.07
CA LYS A 262 -3.71 -20.97 1.79
C LYS A 262 -5.03 -20.24 2.10
N ARG A 263 -4.97 -18.92 2.20
CA ARG A 263 -6.17 -18.15 2.50
C ARG A 263 -6.99 -17.81 1.26
N GLY A 264 -6.46 -18.11 0.08
CA GLY A 264 -7.17 -17.85 -1.16
C GLY A 264 -7.54 -16.39 -1.36
N ILE A 265 -6.64 -15.48 -1.00
CA ILE A 265 -6.91 -14.06 -1.15
C ILE A 265 -6.87 -13.62 -2.62
N ALA A 266 -7.43 -12.44 -2.86
CA ALA A 266 -7.53 -11.88 -4.21
C ALA A 266 -6.21 -11.65 -4.94
N TYR A 267 -5.25 -11.01 -4.28
CA TYR A 267 -4.00 -10.75 -4.94
C TYR A 267 -2.79 -10.55 -4.06
N LEU A 268 -1.63 -10.71 -4.71
CA LEU A 268 -0.32 -10.53 -4.09
C LEU A 268 0.34 -9.41 -4.89
N HIS A 269 0.65 -8.31 -4.20
CA HIS A 269 1.27 -7.15 -4.83
C HIS A 269 2.73 -7.08 -4.37
N MET A 270 3.65 -7.27 -5.30
CA MET A 270 5.06 -7.26 -4.99
C MET A 270 5.76 -5.96 -5.35
N SER A 271 6.21 -5.23 -4.33
CA SER A 271 6.95 -3.99 -4.54
C SER A 271 8.39 -4.47 -4.63
N GLU A 272 8.95 -4.37 -5.83
CA GLU A 272 10.28 -4.88 -6.10
C GLU A 272 11.47 -4.02 -5.75
N THR A 273 11.29 -2.71 -5.72
CA THR A 273 12.38 -1.82 -5.40
C THR A 273 11.91 -0.61 -4.61
N ASP A 274 12.83 -0.01 -3.88
CA ASP A 274 12.51 1.20 -3.12
C ASP A 274 12.83 2.30 -4.12
N LEU A 275 12.58 3.55 -3.75
CA LEU A 275 12.86 4.66 -4.67
C LEU A 275 14.32 4.67 -5.12
N ALA A 276 15.22 4.28 -4.23
CA ALA A 276 16.64 4.25 -4.57
C ALA A 276 16.99 2.93 -5.27
N GLY A 277 18.28 2.67 -5.43
CA GLY A 277 18.70 1.44 -6.09
C GLY A 277 18.05 0.16 -5.55
N GLY A 278 18.10 -0.92 -6.34
CA GLY A 278 17.51 -2.17 -5.93
C GLY A 278 17.77 -3.33 -6.89
N LYS A 279 18.24 -4.46 -6.36
CA LYS A 279 18.56 -5.63 -7.18
C LYS A 279 17.33 -6.24 -7.87
N PRO A 280 17.40 -6.37 -9.20
CA PRO A 280 16.31 -6.93 -10.01
C PRO A 280 15.94 -8.37 -9.66
N TYR A 281 14.66 -8.68 -9.73
CA TYR A 281 14.16 -10.02 -9.44
C TYR A 281 14.64 -10.95 -10.55
N SER A 282 15.10 -12.14 -10.19
CA SER A 282 15.54 -13.11 -11.18
C SER A 282 14.29 -13.80 -11.71
N GLU A 283 14.32 -14.26 -12.95
CA GLU A 283 13.17 -14.95 -13.51
C GLU A 283 12.89 -16.21 -12.71
N ALA A 284 13.96 -16.80 -12.16
CA ALA A 284 13.83 -18.01 -11.37
C ALA A 284 13.01 -17.72 -10.11
N PHE A 285 13.29 -16.60 -9.46
CA PHE A 285 12.55 -16.23 -8.26
C PHE A 285 11.09 -15.96 -8.62
N ARG A 286 10.87 -15.26 -9.72
CA ARG A 286 9.51 -14.94 -10.15
C ARG A 286 8.74 -16.24 -10.37
N GLN A 287 9.42 -17.26 -10.90
CA GLN A 287 8.79 -18.55 -11.13
C GLN A 287 8.42 -19.21 -9.81
N LYS A 288 9.31 -19.11 -8.82
CA LYS A 288 9.05 -19.69 -7.52
C LYS A 288 7.84 -19.04 -6.86
N VAL A 289 7.70 -17.73 -7.08
CA VAL A 289 6.56 -17.00 -6.52
C VAL A 289 5.28 -17.42 -7.25
N ARG A 290 5.33 -17.43 -8.57
CA ARG A 290 4.18 -17.77 -9.40
C ARG A 290 3.56 -19.14 -9.08
N GLU A 291 4.40 -20.15 -8.91
CA GLU A 291 3.90 -21.49 -8.62
C GLU A 291 3.35 -21.67 -7.22
N ARG A 292 3.56 -20.68 -6.35
CA ARG A 292 3.08 -20.76 -4.98
C ARG A 292 1.86 -19.93 -4.65
N PHE A 293 1.45 -19.07 -5.58
CA PHE A 293 0.28 -18.22 -5.36
C PHE A 293 -0.71 -18.42 -6.50
N HIS A 294 -1.98 -18.65 -6.16
CA HIS A 294 -2.99 -18.92 -7.17
C HIS A 294 -3.96 -17.78 -7.45
N GLY A 295 -3.60 -16.58 -7.00
CA GLY A 295 -4.42 -15.42 -7.26
C GLY A 295 -3.67 -14.49 -8.19
N VAL A 296 -4.15 -13.26 -8.31
CA VAL A 296 -3.50 -12.28 -9.17
C VAL A 296 -2.19 -11.80 -8.56
N ILE A 297 -1.17 -11.66 -9.41
CA ILE A 297 0.13 -11.15 -8.95
C ILE A 297 0.39 -9.82 -9.64
N ILE A 298 0.60 -8.79 -8.84
CA ILE A 298 0.86 -7.45 -9.35
C ILE A 298 2.33 -7.10 -9.12
N GLY A 299 3.02 -6.70 -10.19
CA GLY A 299 4.42 -6.30 -10.07
C GLY A 299 4.49 -4.78 -9.99
N ALA A 300 5.47 -4.25 -9.28
CA ALA A 300 5.62 -2.81 -9.15
C ALA A 300 7.05 -2.40 -8.82
N GLY A 301 7.40 -1.17 -9.19
CA GLY A 301 8.74 -0.67 -8.90
C GLY A 301 9.51 -0.27 -10.13
N ALA A 302 9.41 1.00 -10.51
CA ALA A 302 10.11 1.52 -11.69
C ALA A 302 9.88 0.67 -12.94
N TYR A 303 8.64 0.22 -13.13
CA TYR A 303 8.29 -0.59 -14.30
C TYR A 303 8.13 0.26 -15.55
N THR A 304 8.46 -0.36 -16.68
CA THR A 304 8.30 0.25 -17.98
C THR A 304 7.16 -0.56 -18.58
N ALA A 305 6.45 0.00 -19.56
CA ALA A 305 5.37 -0.72 -20.19
C ALA A 305 5.91 -1.99 -20.83
N GLU A 306 7.09 -1.87 -21.43
CA GLU A 306 7.74 -3.00 -22.10
C GLU A 306 8.02 -4.13 -21.11
N LYS A 307 8.50 -3.77 -19.93
CA LYS A 307 8.80 -4.77 -18.91
C LYS A 307 7.51 -5.46 -18.47
N ALA A 308 6.44 -4.68 -18.33
CA ALA A 308 5.16 -5.21 -17.94
C ALA A 308 4.68 -6.24 -18.96
N GLU A 309 4.72 -5.87 -20.24
CA GLU A 309 4.30 -6.77 -21.30
C GLU A 309 5.15 -8.04 -21.32
N ASP A 310 6.45 -7.88 -21.12
CA ASP A 310 7.36 -9.02 -21.13
C ASP A 310 6.99 -10.04 -20.06
N LEU A 311 6.84 -9.57 -18.82
CA LEU A 311 6.52 -10.46 -17.72
C LEU A 311 5.12 -11.02 -17.75
N ILE A 312 4.15 -10.24 -18.23
CA ILE A 312 2.78 -10.73 -18.33
C ILE A 312 2.73 -11.77 -19.44
N GLY A 313 3.48 -11.52 -20.52
CA GLY A 313 3.51 -12.45 -21.63
C GLY A 313 4.18 -13.77 -21.24
N LYS A 314 5.10 -13.71 -20.28
CA LYS A 314 5.80 -14.89 -19.83
C LYS A 314 4.99 -15.65 -18.78
N GLY A 315 3.84 -15.08 -18.41
CA GLY A 315 2.97 -15.72 -17.42
C GLY A 315 3.49 -15.65 -16.00
N LEU A 316 4.39 -14.71 -15.73
CA LEU A 316 4.96 -14.56 -14.40
C LEU A 316 4.16 -13.62 -13.49
N ILE A 317 3.58 -12.58 -14.07
CA ILE A 317 2.74 -11.64 -13.32
C ILE A 317 1.48 -11.39 -14.14
N ASP A 318 0.46 -10.81 -13.51
CA ASP A 318 -0.80 -10.55 -14.20
C ASP A 318 -1.08 -9.09 -14.48
N ALA A 319 -0.53 -8.21 -13.65
CA ALA A 319 -0.75 -6.78 -13.81
C ALA A 319 0.43 -6.01 -13.26
N VAL A 320 0.48 -4.72 -13.59
CA VAL A 320 1.56 -3.86 -13.13
C VAL A 320 0.95 -2.61 -12.51
N ALA A 321 1.54 -2.17 -11.40
CA ALA A 321 1.08 -0.97 -10.72
C ALA A 321 2.11 0.12 -10.99
N PHE A 322 1.65 1.23 -11.58
CA PHE A 322 2.52 2.35 -11.89
C PHE A 322 2.28 3.43 -10.85
N GLY A 323 3.37 3.98 -10.32
CA GLY A 323 3.24 5.01 -9.32
C GLY A 323 3.36 6.43 -9.87
N ARG A 324 4.60 6.88 -10.03
CA ARG A 324 4.83 8.24 -10.50
C ARG A 324 4.23 8.57 -11.86
N ASP A 325 4.13 7.60 -12.77
CA ASP A 325 3.52 7.88 -14.06
C ASP A 325 2.03 8.17 -13.86
N TYR A 326 1.43 7.58 -12.83
CA TYR A 326 0.01 7.83 -12.57
C TYR A 326 -0.19 9.17 -11.88
N ILE A 327 0.82 9.63 -11.15
CA ILE A 327 0.73 10.94 -10.52
C ILE A 327 0.61 11.98 -11.63
N ALA A 328 1.47 11.84 -12.64
CA ALA A 328 1.53 12.80 -13.75
C ALA A 328 0.61 12.57 -14.94
N ASN A 329 -0.03 11.40 -15.02
CA ASN A 329 -0.89 11.08 -16.15
C ASN A 329 -2.19 10.43 -15.70
N PRO A 330 -3.25 11.23 -15.53
CA PRO A 330 -4.52 10.65 -15.09
C PRO A 330 -5.04 9.59 -16.04
N ASP A 331 -4.82 9.81 -17.34
CA ASP A 331 -5.25 8.89 -18.37
C ASP A 331 -4.10 8.04 -18.88
N LEU A 332 -3.28 7.54 -17.96
CA LEU A 332 -2.14 6.71 -18.32
C LEU A 332 -2.52 5.54 -19.22
N VAL A 333 -3.67 4.93 -18.97
CA VAL A 333 -4.12 3.80 -19.79
C VAL A 333 -4.20 4.19 -21.26
N ALA A 334 -4.92 5.28 -21.54
CA ALA A 334 -5.08 5.74 -22.91
C ALA A 334 -3.73 6.10 -23.54
N ARG A 335 -2.87 6.77 -22.78
CA ARG A 335 -1.57 7.16 -23.29
C ARG A 335 -0.71 5.94 -23.65
N LEU A 336 -0.73 4.94 -22.79
CA LEU A 336 0.06 3.74 -23.07
C LEU A 336 -0.54 2.95 -24.24
N GLN A 337 -1.85 3.00 -24.38
CA GLN A 337 -2.52 2.28 -25.46
C GLN A 337 -2.26 2.95 -26.80
N LYS A 338 -2.21 4.28 -26.82
CA LYS A 338 -1.97 5.02 -28.05
C LYS A 338 -0.48 5.31 -28.26
N LYS A 339 0.34 4.94 -27.29
CA LYS A 339 1.78 5.18 -27.37
C LYS A 339 2.04 6.68 -27.44
N ALA A 340 1.28 7.43 -26.65
CA ALA A 340 1.40 8.88 -26.59
C ALA A 340 2.42 9.29 -25.53
N GLU A 341 3.01 10.47 -25.72
CA GLU A 341 3.99 10.97 -24.76
C GLU A 341 3.29 11.23 -23.43
N LEU A 342 4.06 11.23 -22.34
CA LEU A 342 3.50 11.45 -21.01
C LEU A 342 3.83 12.85 -20.50
N ASN A 343 3.04 13.34 -19.55
CA ASN A 343 3.30 14.65 -18.96
C ASN A 343 4.54 14.51 -18.09
N PRO A 344 5.35 15.57 -18.00
CA PRO A 344 6.55 15.47 -17.17
C PRO A 344 6.16 15.50 -15.70
N GLN A 345 6.92 14.78 -14.87
CA GLN A 345 6.67 14.72 -13.44
C GLN A 345 7.25 15.93 -12.72
N ARG A 346 6.55 16.37 -11.69
CA ARG A 346 6.97 17.49 -10.86
C ARG A 346 7.06 16.97 -9.42
N PRO A 347 8.17 16.31 -9.08
CA PRO A 347 8.35 15.75 -7.73
C PRO A 347 8.19 16.70 -6.55
N GLU A 348 8.43 17.99 -6.77
CA GLU A 348 8.29 18.95 -5.68
C GLU A 348 6.90 18.98 -5.07
N SER A 349 5.90 18.61 -5.85
CA SER A 349 4.53 18.60 -5.37
C SER A 349 3.94 17.21 -5.11
N PHE A 350 4.80 16.21 -4.96
CA PHE A 350 4.32 14.87 -4.66
C PHE A 350 3.65 14.86 -3.28
N TYR A 351 4.27 15.51 -2.30
CA TYR A 351 3.75 15.54 -0.94
C TYR A 351 3.24 16.89 -0.47
N GLY A 352 2.04 16.89 0.11
CA GLY A 352 1.44 18.11 0.62
C GLY A 352 1.00 19.11 -0.42
N GLY A 353 0.57 20.27 0.05
CA GLY A 353 0.12 21.31 -0.86
C GLY A 353 -1.35 21.19 -1.23
N GLY A 354 -1.67 21.59 -2.44
CA GLY A 354 -3.05 21.55 -2.90
C GLY A 354 -3.21 21.00 -4.31
N ALA A 355 -4.05 21.66 -5.10
CA ALA A 355 -4.33 21.24 -6.46
C ALA A 355 -3.11 21.22 -7.38
N GLU A 356 -2.18 22.16 -7.19
CA GLU A 356 -1.01 22.21 -8.05
C GLU A 356 -0.17 20.94 -7.89
N GLY A 357 0.11 20.29 -9.02
CA GLY A 357 0.89 19.06 -9.00
C GLY A 357 0.07 17.88 -8.48
N TYR A 358 -1.24 18.03 -8.48
CA TYR A 358 -2.15 16.99 -8.00
C TYR A 358 -3.27 16.71 -9.01
N THR A 359 -4.11 17.70 -9.27
CA THR A 359 -5.21 17.56 -10.23
C THR A 359 -4.86 18.42 -11.44
N ASP A 360 -3.61 18.86 -11.40
CA ASP A 360 -2.87 19.72 -12.35
C ASP A 360 -2.45 19.14 -13.68
N TYR A 361 -2.25 17.83 -13.70
CA TYR A 361 -1.78 17.13 -14.89
C TYR A 361 -2.94 16.87 -15.84
N PRO A 362 -2.85 17.42 -17.07
CA PRO A 362 -3.91 17.23 -18.06
C PRO A 362 -4.03 15.86 -18.70
N SER A 363 -5.25 15.54 -19.10
CA SER A 363 -5.52 14.30 -19.79
C SER A 363 -5.45 14.68 -21.26
N LEU A 364 -5.37 13.69 -22.13
CA LEU A 364 -5.32 13.93 -23.57
C LEU A 364 -6.60 14.63 -24.01
#